data_6Z4G
#
_entry.id   6Z4G
#
_cell.length_a   38.950
_cell.length_b   67.720
_cell.length_c   50.650
_cell.angle_alpha   90.000
_cell.angle_beta   106.400
_cell.angle_gamma   90.000
#
_symmetry.space_group_name_H-M   'P 1 21 1'
#
loop_
_entity.id
_entity.type
_entity.pdbx_description
1 polymer 'Superoxide dismutase [Cu-Zn]'
2 non-polymer 'ZINC ION'
3 non-polymer 'ACETATE ION'
4 non-polymer N-phenyl-2-selanylbenzamide
5 non-polymer 'SULFATE ION'
6 non-polymer 'CHLORIDE ION'
7 water water
#
_entity_poly.entity_id   1
_entity_poly.type   'polypeptide(L)'
_entity_poly.pdbx_seq_one_letter_code
;ATKVVCVLKGDGPVQGIINFEQKESNGPVKVWGSIKGLTEGLHGFHVHEFGDNTAGCTSAGPHFNPLSRKHGGPKDEERH
VGDLGNVTADKDGVADVSIEDSVISLSGDHCIIGRTLVVHEKADDLGKGGNEESTKTGNAGSRLACGVIGIAQ
;
_entity_poly.pdbx_strand_id   AAA,BBB
#
loop_
_chem_comp.id
_chem_comp.type
_chem_comp.name
_chem_comp.formula
9JT non-polymer N-phenyl-2-selanylbenzamide 'C13 H11 N O Se'
ACT non-polymer 'ACETATE ION' 'C2 H3 O2 -1'
CL non-polymer 'CHLORIDE ION' 'Cl -1'
SO4 non-polymer 'SULFATE ION' 'O4 S -2'
ZN non-polymer 'ZINC ION' 'Zn 2'
#
# COMPACT_ATOMS: atom_id res chain seq x y z
N ALA A 1 -4.52 -11.98 -14.64
CA ALA A 1 -5.00 -12.93 -13.60
C ALA A 1 -4.58 -12.50 -12.19
N THR A 2 -3.44 -11.82 -11.96
CA THR A 2 -3.23 -11.05 -10.73
C THR A 2 -3.32 -9.57 -11.11
N LYS A 3 -4.01 -8.80 -10.28
CA LYS A 3 -4.31 -7.38 -10.49
C LYS A 3 -3.88 -6.59 -9.27
N VAL A 4 -3.16 -5.52 -9.51
CA VAL A 4 -2.56 -4.69 -8.45
C VAL A 4 -2.74 -3.25 -8.84
N VAL A 5 -2.75 -2.38 -7.87
CA VAL A 5 -3.11 -0.95 -8.14
C VAL A 5 -2.30 -0.08 -7.21
N CYS A 6 -2.06 1.12 -7.61
CA CYS A 6 -1.36 2.12 -6.80
C CYS A 6 -1.96 3.46 -7.04
N VAL A 7 -2.29 4.16 -6.00
CA VAL A 7 -2.77 5.55 -6.05
C VAL A 7 -1.61 6.45 -5.67
N LEU A 8 -1.13 7.28 -6.61
CA LEU A 8 -0.04 8.21 -6.39
C LEU A 8 -0.58 9.55 -5.90
N LYS A 9 -0.03 10.05 -4.82
CA LYS A 9 -0.42 11.36 -4.27
C LYS A 9 0.83 12.08 -3.82
N GLY A 10 0.79 13.40 -4.03
CA GLY A 10 1.83 14.38 -3.73
C GLY A 10 1.27 15.77 -3.96
N ASP A 11 2.03 16.75 -3.51
CA ASP A 11 1.78 18.21 -3.60
C ASP A 11 1.73 18.68 -5.04
N GLY A 12 0.71 19.43 -5.39
CA GLY A 12 0.58 20.01 -6.74
C GLY A 12 -0.85 20.45 -6.99
N PRO A 13 -1.85 19.54 -7.01
CA PRO A 13 -1.62 18.12 -6.72
C PRO A 13 -0.97 17.32 -7.85
N VAL A 14 0.08 16.57 -7.59
CA VAL A 14 0.51 15.46 -8.51
C VAL A 14 -0.27 14.23 -8.11
N GLN A 15 -1.03 13.65 -9.00
CA GLN A 15 -1.90 12.55 -8.56
C GLN A 15 -2.15 11.60 -9.70
N GLY A 16 -2.20 10.34 -9.41
CA GLY A 16 -2.40 9.39 -10.47
C GLY A 16 -2.91 8.07 -9.97
N ILE A 17 -3.33 7.26 -10.91
CA ILE A 17 -3.77 5.88 -10.61
C ILE A 17 -3.04 5.02 -11.60
N ILE A 18 -2.34 4.04 -11.08
CA ILE A 18 -1.58 3.09 -11.91
C ILE A 18 -2.06 1.69 -11.62
N ASN A 19 -2.38 0.97 -12.68
CA ASN A 19 -2.86 -0.41 -12.61
C ASN A 19 -1.79 -1.34 -13.12
N PHE A 20 -1.72 -2.52 -12.54
CA PHE A 20 -0.75 -3.55 -12.91
C PHE A 20 -1.51 -4.86 -13.08
N GLU A 21 -1.19 -5.61 -14.13
CA GLU A 21 -1.86 -6.90 -14.35
C GLU A 21 -0.87 -7.90 -14.87
N GLN A 22 -0.89 -9.08 -14.32
CA GLN A 22 -0.02 -10.19 -14.74
C GLN A 22 -0.91 -11.42 -15.01
N LYS A 23 -0.87 -11.93 -16.25
CA LYS A 23 -1.68 -13.11 -16.67
C LYS A 23 -1.18 -14.35 -15.95
N GLU A 24 0.14 -14.52 -15.92
CA GLU A 24 0.80 -15.73 -15.36
C GLU A 24 2.08 -15.32 -14.65
N SER A 25 2.48 -16.05 -13.61
CA SER A 25 3.65 -15.70 -12.77
C SER A 25 4.94 -15.71 -13.58
N ASN A 26 4.99 -16.40 -14.72
CA ASN A 26 6.21 -16.43 -15.58
C ASN A 26 6.09 -15.38 -16.71
N GLY A 27 5.07 -14.53 -16.67
CA GLY A 27 4.80 -13.62 -17.76
C GLY A 27 5.03 -12.17 -17.37
N PRO A 28 4.93 -11.30 -18.35
CA PRO A 28 5.15 -9.88 -18.13
C PRO A 28 3.98 -9.27 -17.35
N VAL A 29 4.31 -8.12 -16.78
CA VAL A 29 3.30 -7.26 -16.12
C VAL A 29 2.96 -6.07 -17.03
N LYS A 30 1.70 -5.87 -17.25
CA LYS A 30 1.15 -4.68 -17.95
C LYS A 30 0.91 -3.61 -16.91
N VAL A 31 1.36 -2.40 -17.19
CA VAL A 31 1.27 -1.26 -16.26
C VAL A 31 0.56 -0.15 -17.04
N TRP A 32 -0.54 0.36 -16.53
CA TRP A 32 -1.25 1.41 -17.26
C TRP A 32 -1.97 2.33 -16.31
N GLY A 33 -2.10 3.57 -16.73
CA GLY A 33 -2.93 4.51 -15.98
C GLY A 33 -2.55 5.89 -16.38
N SER A 34 -2.76 6.84 -15.49
N SER A 34 -2.80 6.87 -15.52
CA SER A 34 -2.55 8.28 -15.79
CA SER A 34 -2.53 8.29 -15.87
C SER A 34 -1.96 8.94 -14.56
C SER A 34 -2.11 9.04 -14.61
N ILE A 35 -1.22 10.01 -14.79
CA ILE A 35 -0.75 10.88 -13.69
C ILE A 35 -0.99 12.29 -14.16
N LYS A 36 -1.54 13.14 -13.30
CA LYS A 36 -1.77 14.54 -13.69
C LYS A 36 -0.97 15.44 -12.75
N GLY A 37 -0.89 16.69 -13.12
CA GLY A 37 -0.20 17.68 -12.29
C GLY A 37 1.31 17.79 -12.51
N LEU A 38 1.88 17.12 -13.54
CA LEU A 38 3.31 17.06 -13.76
C LEU A 38 3.75 18.24 -14.66
N THR A 39 5.03 18.55 -14.58
CA THR A 39 5.66 19.43 -15.57
C THR A 39 5.85 18.66 -16.87
N GLU A 40 5.80 19.35 -17.97
CA GLU A 40 5.98 18.71 -19.30
C GLU A 40 7.38 18.10 -19.33
N GLY A 41 7.44 16.85 -19.84
CA GLY A 41 8.69 16.13 -20.04
C GLY A 41 8.75 14.86 -19.26
N LEU A 42 9.97 14.34 -19.12
CA LEU A 42 10.19 12.99 -18.52
C LEU A 42 10.18 13.07 -17.01
N HIS A 43 9.63 12.02 -16.42
CA HIS A 43 9.64 11.90 -14.93
C HIS A 43 10.04 10.47 -14.57
N GLY A 44 11.05 10.33 -13.77
CA GLY A 44 11.54 9.02 -13.35
C GLY A 44 10.41 8.30 -12.66
N PHE A 45 10.33 7.00 -12.88
CA PHE A 45 9.17 6.18 -12.46
C PHE A 45 9.71 4.87 -11.94
N HIS A 46 9.63 4.69 -10.64
CA HIS A 46 10.33 3.60 -9.94
C HIS A 46 9.49 2.95 -8.87
N VAL A 47 9.74 1.63 -8.73
CA VAL A 47 9.31 0.92 -7.52
C VAL A 47 10.41 1.06 -6.48
N HIS A 48 10.10 1.66 -5.34
CA HIS A 48 11.02 1.79 -4.20
C HIS A 48 10.83 0.67 -3.19
N GLU A 49 11.83 0.42 -2.40
CA GLU A 49 11.91 -0.79 -1.57
C GLU A 49 10.83 -0.89 -0.50
N PHE A 50 10.50 0.20 0.16
CA PHE A 50 9.59 0.09 1.32
C PHE A 50 8.23 0.66 0.96
N GLY A 51 7.17 -0.02 1.38
CA GLY A 51 5.77 0.45 1.27
C GLY A 51 5.47 1.24 2.51
N ASP A 52 6.35 2.16 2.82
CA ASP A 52 6.35 2.96 4.06
C ASP A 52 6.21 4.37 3.62
N ASN A 53 5.03 4.94 3.81
CA ASN A 53 4.79 6.34 3.43
C ASN A 53 4.52 7.14 4.71
N THR A 54 4.99 6.67 5.84
CA THR A 54 4.69 7.28 7.13
C THR A 54 5.18 8.72 7.18
N ALA A 55 6.29 9.05 6.54
CA ALA A 55 6.78 10.44 6.52
C ALA A 55 6.78 10.93 5.08
N GLY A 56 5.83 10.44 4.29
CA GLY A 56 5.69 10.76 2.88
C GLY A 56 6.59 9.89 2.07
N CYS A 57 6.93 10.35 0.87
CA CYS A 57 7.63 9.48 -0.08
C CYS A 57 9.07 9.20 0.36
N THR A 58 9.64 10.01 1.23
CA THR A 58 11.05 9.77 1.68
C THR A 58 11.15 8.41 2.39
N SER A 59 10.09 8.01 3.10
N SER A 59 10.11 7.99 3.11
CA SER A 59 10.10 6.77 3.91
CA SER A 59 10.23 6.75 3.92
C SER A 59 10.26 5.51 3.02
C SER A 59 10.28 5.50 3.02
N ALA A 60 10.04 5.66 1.72
CA ALA A 60 10.02 4.51 0.80
C ALA A 60 11.43 4.00 0.54
N GLY A 61 12.49 4.72 0.92
CA GLY A 61 13.82 4.14 0.74
C GLY A 61 14.25 4.15 -0.72
N PRO A 62 15.29 3.37 -1.04
CA PRO A 62 15.89 3.36 -2.35
C PRO A 62 15.08 2.55 -3.34
N HIS A 63 15.53 2.51 -4.59
CA HIS A 63 14.90 1.65 -5.60
C HIS A 63 14.86 0.18 -5.11
N PHE A 64 13.76 -0.48 -5.42
CA PHE A 64 13.62 -1.92 -5.14
C PHE A 64 14.63 -2.68 -5.96
N ASN A 65 15.52 -3.36 -5.23
CA ASN A 65 16.73 -3.96 -5.85
C ASN A 65 17.01 -5.29 -5.19
N PRO A 66 16.10 -6.26 -5.29
CA PRO A 66 16.30 -7.53 -4.60
C PRO A 66 17.49 -8.34 -5.12
N LEU A 67 17.95 -8.07 -6.34
CA LEU A 67 19.03 -8.88 -6.97
C LEU A 67 20.36 -8.10 -6.91
N SER A 68 20.42 -6.99 -6.19
CA SER A 68 21.68 -6.28 -5.87
C SER A 68 22.39 -5.90 -7.15
N ARG A 69 21.71 -5.26 -8.07
CA ARG A 69 22.29 -4.74 -9.29
C ARG A 69 22.44 -3.23 -9.25
N LYS A 70 23.09 -2.68 -10.26
CA LYS A 70 23.15 -1.23 -10.49
C LYS A 70 21.85 -0.75 -11.14
N HIS A 71 21.64 0.54 -11.05
CA HIS A 71 20.50 1.24 -11.68
C HIS A 71 20.66 1.21 -13.19
N GLY A 72 19.55 0.99 -13.89
CA GLY A 72 19.52 1.17 -15.33
C GLY A 72 18.16 1.49 -15.81
N GLY A 73 17.97 1.34 -17.11
CA GLY A 73 16.66 1.52 -17.72
C GLY A 73 15.94 0.18 -17.78
N PRO A 74 14.63 0.21 -18.03
CA PRO A 74 13.84 -1.03 -18.04
C PRO A 74 14.29 -2.05 -19.08
N LYS A 75 14.87 -1.59 -20.19
CA LYS A 75 15.31 -2.50 -21.25
C LYS A 75 16.67 -3.11 -20.95
N ASP A 76 17.39 -2.62 -19.96
CA ASP A 76 18.75 -3.08 -19.60
C ASP A 76 18.68 -4.37 -18.81
N GLU A 77 19.66 -5.24 -19.01
CA GLU A 77 19.84 -6.43 -18.14
C GLU A 77 20.36 -5.95 -16.79
N GLU A 78 21.28 -4.99 -16.76
CA GLU A 78 21.79 -4.41 -15.50
C GLU A 78 20.81 -3.31 -15.07
N ARG A 79 19.89 -3.68 -14.19
CA ARG A 79 18.87 -2.72 -13.67
C ARG A 79 18.47 -3.20 -12.31
N HIS A 80 17.85 -2.32 -11.57
CA HIS A 80 17.08 -2.69 -10.38
C HIS A 80 15.75 -3.26 -10.85
N VAL A 81 15.19 -4.21 -10.08
CA VAL A 81 13.81 -4.63 -10.39
C VAL A 81 12.88 -3.43 -10.51
N GLY A 82 12.99 -2.45 -9.62
CA GLY A 82 12.12 -1.28 -9.60
C GLY A 82 12.34 -0.25 -10.70
N ASP A 83 13.29 -0.47 -11.62
CA ASP A 83 13.61 0.52 -12.67
C ASP A 83 12.61 0.46 -13.82
N LEU A 84 11.60 1.29 -13.79
CA LEU A 84 10.56 1.38 -14.81
C LEU A 84 10.79 2.58 -15.71
N GLY A 85 11.93 3.23 -15.60
CA GLY A 85 12.33 4.26 -16.57
C GLY A 85 11.64 5.57 -16.31
N ASN A 86 10.98 6.13 -17.32
CA ASN A 86 10.33 7.46 -17.25
C ASN A 86 8.92 7.37 -17.75
N VAL A 87 8.04 8.19 -17.22
CA VAL A 87 6.74 8.48 -17.83
C VAL A 87 6.87 9.88 -18.41
N THR A 88 6.02 10.19 -19.38
CA THR A 88 6.16 11.47 -20.12
C THR A 88 4.87 12.25 -19.97
N ALA A 89 4.98 13.48 -19.44
CA ALA A 89 3.83 14.38 -19.29
C ALA A 89 3.77 15.31 -20.52
N ASP A 90 2.55 15.53 -20.95
CA ASP A 90 2.22 16.44 -22.09
C ASP A 90 2.22 17.87 -21.53
N LYS A 91 1.96 18.83 -22.40
CA LYS A 91 1.83 20.25 -21.97
C LYS A 91 0.72 20.46 -20.94
N ASP A 92 -0.34 19.65 -20.94
CA ASP A 92 -1.44 19.79 -19.96
C ASP A 92 -0.97 19.16 -18.64
N GLY A 93 0.26 18.60 -18.58
CA GLY A 93 0.80 18.01 -17.33
C GLY A 93 0.29 16.60 -17.11
N VAL A 94 -0.24 15.93 -18.11
CA VAL A 94 -0.75 14.55 -17.97
C VAL A 94 0.21 13.57 -18.63
N ALA A 95 0.60 12.54 -17.87
CA ALA A 95 1.29 11.37 -18.38
C ALA A 95 0.31 10.21 -18.48
N ASP A 96 0.10 9.72 -19.68
CA ASP A 96 -0.63 8.46 -19.91
C ASP A 96 0.41 7.35 -19.90
N VAL A 97 0.31 6.46 -18.91
CA VAL A 97 1.30 5.40 -18.68
C VAL A 97 0.86 4.12 -19.37
N SER A 98 1.80 3.55 -20.12
CA SER A 98 1.56 2.31 -20.83
C SER A 98 2.89 1.59 -20.95
N ILE A 99 3.09 0.62 -20.10
CA ILE A 99 4.38 -0.10 -19.92
C ILE A 99 4.04 -1.59 -19.92
N GLU A 100 4.89 -2.39 -20.53
CA GLU A 100 4.94 -3.83 -20.29
C GLU A 100 6.34 -4.14 -19.78
N ASP A 101 6.45 -4.82 -18.65
CA ASP A 101 7.76 -5.12 -18.03
C ASP A 101 7.83 -6.57 -17.64
N SER A 102 8.98 -7.18 -17.97
N SER A 102 8.95 -7.22 -17.94
CA SER A 102 9.26 -8.61 -17.75
CA SER A 102 9.12 -8.66 -17.64
C SER A 102 9.99 -8.85 -16.43
C SER A 102 10.08 -8.86 -16.47
N VAL A 103 10.43 -7.79 -15.75
CA VAL A 103 11.33 -7.97 -14.60
C VAL A 103 10.52 -7.81 -13.30
N ILE A 104 9.72 -6.78 -13.17
CA ILE A 104 8.76 -6.73 -12.02
C ILE A 104 7.86 -7.94 -12.13
N SER A 105 7.31 -8.33 -11.00
CA SER A 105 6.30 -9.41 -10.98
C SER A 105 5.25 -9.07 -9.92
N LEU A 106 4.14 -9.75 -9.97
CA LEU A 106 3.12 -9.67 -8.91
C LEU A 106 3.12 -10.94 -8.05
N SER A 107 4.20 -11.73 -8.13
N SER A 107 4.21 -11.70 -8.10
CA SER A 107 4.48 -12.87 -7.21
CA SER A 107 4.47 -12.90 -7.25
C SER A 107 5.97 -13.17 -7.14
C SER A 107 5.98 -13.13 -7.12
N GLY A 108 6.41 -13.89 -6.10
CA GLY A 108 7.81 -14.31 -5.98
C GLY A 108 8.70 -13.22 -5.48
N ASP A 109 10.02 -13.39 -5.61
CA ASP A 109 10.94 -12.43 -4.97
C ASP A 109 11.12 -11.18 -5.82
N HIS A 110 10.53 -11.13 -7.02
CA HIS A 110 10.46 -9.87 -7.78
C HIS A 110 9.12 -9.17 -7.53
N CYS A 111 8.36 -9.63 -6.57
CA CYS A 111 7.01 -9.11 -6.35
C CYS A 111 7.09 -7.67 -5.89
N ILE A 112 6.20 -6.83 -6.41
CA ILE A 112 6.21 -5.39 -6.03
C ILE A 112 5.08 -5.06 -5.05
N ILE A 113 4.19 -5.97 -4.78
CA ILE A 113 3.10 -5.70 -3.81
C ILE A 113 3.70 -5.30 -2.45
N GLY A 114 3.13 -4.25 -1.86
CA GLY A 114 3.56 -3.78 -0.53
C GLY A 114 4.78 -2.88 -0.62
N ARG A 115 5.24 -2.59 -1.82
CA ARG A 115 6.32 -1.63 -2.07
C ARG A 115 5.72 -0.31 -2.52
N THR A 116 6.58 0.69 -2.82
CA THR A 116 6.04 2.01 -3.14
C THR A 116 6.35 2.33 -4.60
N LEU A 117 5.40 2.88 -5.31
CA LEU A 117 5.61 3.45 -6.63
C LEU A 117 5.82 4.96 -6.49
N VAL A 118 6.85 5.48 -7.14
CA VAL A 118 7.24 6.92 -7.00
C VAL A 118 7.35 7.51 -8.40
N VAL A 119 6.80 8.68 -8.57
CA VAL A 119 7.07 9.53 -9.74
C VAL A 119 7.92 10.71 -9.29
N HIS A 120 8.97 10.97 -10.04
CA HIS A 120 10.05 11.88 -9.68
C HIS A 120 9.94 13.21 -10.43
N GLU A 121 10.68 14.17 -9.89
CA GLU A 121 10.78 15.56 -10.37
C GLU A 121 11.30 15.65 -11.81
N LYS A 122 12.30 14.85 -12.12
CA LYS A 122 13.21 15.04 -13.28
C LYS A 122 13.22 13.71 -14.01
N ALA A 123 13.87 13.69 -15.16
CA ALA A 123 14.11 12.48 -15.92
C ALA A 123 15.08 11.59 -15.15
N ASP A 124 14.83 10.31 -15.30
CA ASP A 124 15.79 9.25 -15.02
C ASP A 124 16.72 9.11 -16.22
N ASP A 125 18.00 9.22 -15.96
CA ASP A 125 19.03 9.11 -17.04
C ASP A 125 19.33 7.67 -17.38
N LEU A 126 18.63 6.73 -16.73
CA LEU A 126 18.70 5.28 -17.06
C LEU A 126 20.12 4.79 -16.87
N GLY A 127 20.90 5.34 -15.94
CA GLY A 127 22.26 4.94 -15.62
C GLY A 127 23.28 5.39 -16.66
N LYS A 128 22.92 6.34 -17.54
CA LYS A 128 23.79 6.81 -18.64
C LYS A 128 24.23 8.26 -18.41
N GLY A 129 24.14 8.75 -17.16
CA GLY A 129 24.39 10.15 -16.84
C GLY A 129 25.85 10.42 -16.59
N GLY A 130 26.65 9.39 -16.29
CA GLY A 130 28.11 9.49 -16.09
C GLY A 130 28.53 10.16 -14.80
N ASN A 131 27.78 9.97 -13.72
CA ASN A 131 28.25 10.32 -12.35
C ASN A 131 27.86 9.18 -11.42
N GLU A 132 28.29 9.23 -10.16
CA GLU A 132 28.07 8.06 -9.27
C GLU A 132 26.57 7.90 -9.01
N GLU A 133 25.84 9.01 -8.93
CA GLU A 133 24.39 8.97 -8.66
C GLU A 133 23.64 8.33 -9.86
N SER A 134 24.16 8.41 -11.08
CA SER A 134 23.45 7.85 -12.25
C SER A 134 23.19 6.35 -12.03
N THR A 135 24.19 5.61 -11.53
CA THR A 135 24.08 4.12 -11.42
C THR A 135 23.47 3.73 -10.06
N LYS A 136 22.89 4.71 -9.34
CA LYS A 136 22.14 4.43 -8.08
C LYS A 136 20.69 4.86 -8.24
N THR A 137 20.47 6.13 -8.61
CA THR A 137 19.11 6.73 -8.65
C THR A 137 18.71 7.15 -10.06
N GLY A 138 19.67 7.27 -10.98
CA GLY A 138 19.39 7.86 -12.31
C GLY A 138 19.21 9.37 -12.26
N ASN A 139 19.52 9.99 -11.12
CA ASN A 139 19.47 11.49 -11.01
C ASN A 139 18.06 12.01 -11.28
N ALA A 140 17.01 11.31 -10.86
CA ALA A 140 15.63 11.76 -11.18
C ALA A 140 15.09 12.75 -10.14
N GLY A 141 15.88 13.11 -9.16
CA GLY A 141 15.46 14.22 -8.31
C GLY A 141 14.35 13.82 -7.36
N SER A 142 13.61 14.85 -6.90
CA SER A 142 12.81 14.67 -5.70
C SER A 142 11.64 13.72 -6.01
N ARG A 143 10.92 13.30 -4.99
CA ARG A 143 9.73 12.46 -5.15
C ARG A 143 8.45 13.29 -5.15
N LEU A 144 7.78 13.38 -6.28
CA LEU A 144 6.61 14.27 -6.42
C LEU A 144 5.38 13.60 -5.85
N ALA A 145 5.26 12.29 -6.00
CA ALA A 145 4.05 11.61 -5.58
C ALA A 145 4.39 10.14 -5.44
N CYS A 146 3.68 9.48 -4.56
CA CYS A 146 3.94 8.07 -4.33
C CYS A 146 2.68 7.42 -3.80
N GLY A 147 2.72 6.09 -3.77
CA GLY A 147 1.70 5.30 -3.10
C GLY A 147 2.18 3.90 -2.90
N VAL A 148 1.52 3.20 -2.00
CA VAL A 148 1.84 1.80 -1.69
C VAL A 148 1.09 0.95 -2.74
N ILE A 149 1.73 -0.06 -3.21
CA ILE A 149 1.19 -0.94 -4.26
C ILE A 149 0.37 -2.04 -3.60
N GLY A 150 -0.92 -2.09 -3.98
CA GLY A 150 -1.87 -2.93 -3.27
C GLY A 150 -2.54 -3.95 -4.18
N ILE A 151 -3.12 -4.95 -3.54
CA ILE A 151 -3.88 -5.98 -4.26
C ILE A 151 -5.22 -5.43 -4.71
N ALA A 152 -5.56 -5.64 -5.97
CA ALA A 152 -6.85 -5.20 -6.52
C ALA A 152 -7.74 -6.39 -6.77
N GLN A 153 -9.02 -6.06 -6.97
CA GLN A 153 -10.08 -7.07 -7.23
C GLN A 153 -9.84 -7.70 -8.58
N ALA B 1 11.17 -9.76 13.06
CA ALA B 1 11.86 -10.23 11.82
C ALA B 1 11.14 -9.73 10.55
N THR B 2 9.82 -9.75 10.47
CA THR B 2 9.10 -9.05 9.38
C THR B 2 8.41 -7.82 9.98
N LYS B 3 8.57 -6.69 9.33
CA LYS B 3 7.99 -5.40 9.76
C LYS B 3 7.16 -4.84 8.61
N VAL B 4 5.93 -4.43 8.91
CA VAL B 4 5.07 -3.78 7.92
C VAL B 4 4.38 -2.62 8.60
N VAL B 5 3.93 -1.71 7.76
CA VAL B 5 3.43 -0.41 8.29
C VAL B 5 2.26 0.03 7.44
N CYS B 6 1.45 0.88 7.99
CA CYS B 6 0.29 1.44 7.30
C CYS B 6 0.08 2.86 7.78
N VAL B 7 -0.04 3.80 6.87
CA VAL B 7 -0.43 5.18 7.13
C VAL B 7 -1.90 5.31 6.80
N LEU B 8 -2.70 5.69 7.81
CA LEU B 8 -4.15 5.86 7.67
C LEU B 8 -4.46 7.33 7.36
N LYS B 9 -5.15 7.56 6.28
CA LYS B 9 -5.63 8.90 5.85
C LYS B 9 -7.03 8.78 5.32
N GLY B 10 -7.82 9.83 5.40
CA GLY B 10 -9.18 9.83 4.86
C GLY B 10 -9.60 11.24 4.44
N ASP B 11 -10.89 11.45 4.37
CA ASP B 11 -11.51 12.68 3.84
C ASP B 11 -11.59 13.70 4.97
N GLY B 12 -11.51 13.23 6.24
CA GLY B 12 -11.72 14.07 7.43
C GLY B 12 -10.42 14.30 8.17
N PRO B 13 -10.49 14.53 9.49
CA PRO B 13 -9.28 14.82 10.25
C PRO B 13 -8.47 13.60 10.69
N VAL B 14 -9.00 12.40 10.47
CA VAL B 14 -8.52 11.15 11.08
C VAL B 14 -7.25 10.74 10.36
N GLN B 15 -6.18 10.57 11.11
CA GLN B 15 -4.92 10.13 10.49
C GLN B 15 -4.19 9.28 11.49
N GLY B 16 -3.46 8.30 11.02
CA GLY B 16 -2.77 7.43 11.99
C GLY B 16 -1.62 6.68 11.34
N ILE B 17 -0.85 6.06 12.17
CA ILE B 17 0.33 5.25 11.78
C ILE B 17 0.18 3.97 12.56
N ILE B 18 0.18 2.86 11.86
CA ILE B 18 0.11 1.54 12.51
C ILE B 18 1.27 0.70 12.04
N ASN B 19 1.94 0.06 12.98
CA ASN B 19 3.09 -0.79 12.75
C ASN B 19 2.68 -2.22 13.09
N PHE B 20 3.19 -3.15 12.32
CA PHE B 20 2.99 -4.58 12.49
C PHE B 20 4.34 -5.27 12.50
N GLU B 21 4.59 -6.14 13.49
CA GLU B 21 5.84 -6.87 13.53
C GLU B 21 5.57 -8.32 13.85
N GLN B 22 6.29 -9.18 13.19
CA GLN B 22 6.13 -10.63 13.37
C GLN B 22 7.54 -11.22 13.47
N LYS B 23 7.88 -11.75 14.64
CA LYS B 23 9.24 -12.29 14.92
C LYS B 23 9.47 -13.55 14.06
N GLU B 24 8.45 -14.39 13.97
CA GLU B 24 8.52 -15.69 13.30
C GLU B 24 7.21 -15.92 12.56
N SER B 25 7.26 -16.62 11.44
CA SER B 25 6.09 -16.83 10.56
C SER B 25 5.00 -17.62 11.30
N ASN B 26 5.33 -18.39 12.34
CA ASN B 26 4.29 -19.16 13.08
C ASN B 26 3.87 -18.41 14.34
N GLY B 27 4.33 -17.18 14.51
CA GLY B 27 4.10 -16.46 15.77
C GLY B 27 3.07 -15.36 15.59
N PRO B 28 2.71 -14.69 16.69
CA PRO B 28 1.73 -13.65 16.66
C PRO B 28 2.33 -12.40 16.02
N VAL B 29 1.43 -11.53 15.60
CA VAL B 29 1.78 -10.21 15.05
C VAL B 29 1.45 -9.15 16.10
N LYS B 30 2.46 -8.37 16.46
CA LYS B 30 2.30 -7.22 17.37
C LYS B 30 1.84 -6.07 16.48
N VAL B 31 0.81 -5.35 16.93
CA VAL B 31 0.25 -4.23 16.19
C VAL B 31 0.32 -3.03 17.11
N TRP B 32 0.99 -1.97 16.72
CA TRP B 32 1.09 -0.80 17.61
C TRP B 32 1.15 0.46 16.79
N GLY B 33 0.65 1.51 17.38
CA GLY B 33 0.79 2.83 16.79
C GLY B 33 -0.25 3.77 17.35
N SER B 34 -0.69 4.73 16.56
CA SER B 34 -1.56 5.82 17.06
C SER B 34 -2.47 6.27 15.95
N ILE B 35 -3.71 6.58 16.30
CA ILE B 35 -4.64 7.21 15.35
C ILE B 35 -5.18 8.45 16.03
N LYS B 36 -5.19 9.56 15.32
CA LYS B 36 -5.59 10.85 15.91
C LYS B 36 -6.79 11.37 15.12
N GLY B 37 -7.51 12.31 15.70
CA GLY B 37 -8.65 12.90 15.00
C GLY B 37 -9.97 12.18 15.21
N LEU B 38 -10.04 11.17 16.09
CA LEU B 38 -11.23 10.30 16.27
C LEU B 38 -12.17 10.88 17.32
N THR B 39 -13.43 10.52 17.27
CA THR B 39 -14.37 10.77 18.39
C THR B 39 -14.03 9.82 19.54
N GLU B 40 -14.18 10.28 20.79
CA GLU B 40 -14.00 9.45 21.98
C GLU B 40 -14.85 8.18 21.87
N GLY B 41 -14.24 7.05 22.16
CA GLY B 41 -14.91 5.76 22.32
C GLY B 41 -14.36 4.77 21.31
N LEU B 42 -15.15 3.76 21.00
CA LEU B 42 -14.66 2.60 20.21
C LEU B 42 -14.86 2.85 18.72
N HIS B 43 -13.91 2.37 17.94
CA HIS B 43 -13.91 2.51 16.47
C HIS B 43 -13.47 1.21 15.85
N GLY B 44 -14.30 0.70 14.97
CA GLY B 44 -13.94 -0.59 14.39
C GLY B 44 -12.63 -0.47 13.62
N PHE B 45 -11.91 -1.57 13.55
CA PHE B 45 -10.54 -1.58 13.05
C PHE B 45 -10.36 -2.89 12.34
N HIS B 46 -10.22 -2.82 11.02
CA HIS B 46 -10.26 -4.05 10.19
C HIS B 46 -9.24 -3.98 9.05
N VAL B 47 -8.75 -5.15 8.68
CA VAL B 47 -8.07 -5.35 7.40
C VAL B 47 -9.12 -5.71 6.38
N HIS B 48 -9.21 -4.88 5.33
CA HIS B 48 -10.12 -5.08 4.20
C HIS B 48 -9.36 -5.73 3.05
N GLU B 49 -10.10 -6.33 2.15
CA GLU B 49 -9.57 -7.22 1.12
C GLU B 49 -8.64 -6.54 0.13
N PHE B 50 -8.96 -5.36 -0.33
CA PHE B 50 -8.22 -4.77 -1.46
C PHE B 50 -7.31 -3.64 -0.99
N GLY B 51 -6.08 -3.62 -1.46
CA GLY B 51 -5.17 -2.48 -1.28
C GLY B 51 -5.43 -1.42 -2.32
N ASP B 52 -6.69 -1.05 -2.49
CA ASP B 52 -7.15 -0.24 -3.63
C ASP B 52 -7.78 0.99 -2.99
N ASN B 53 -7.21 2.15 -3.24
CA ASN B 53 -7.69 3.43 -2.71
C ASN B 53 -8.20 4.31 -3.87
N THR B 54 -8.49 3.72 -5.01
CA THR B 54 -8.86 4.47 -6.24
C THR B 54 -9.90 5.55 -5.94
N ALA B 55 -10.96 5.20 -5.22
CA ALA B 55 -12.03 6.20 -4.93
C ALA B 55 -12.11 6.41 -3.44
N GLY B 56 -10.98 6.25 -2.77
CA GLY B 56 -10.97 6.41 -1.31
C GLY B 56 -11.22 5.08 -0.64
N CYS B 57 -11.52 5.10 0.65
CA CYS B 57 -11.55 3.89 1.48
C CYS B 57 -12.64 2.91 1.03
N THR B 58 -13.66 3.38 0.32
CA THR B 58 -14.67 2.45 -0.24
C THR B 58 -14.05 1.39 -1.15
N SER B 59 -13.00 1.71 -1.89
CA SER B 59 -12.50 0.74 -2.90
CA SER B 59 -12.42 0.81 -2.90
C SER B 59 -11.80 -0.44 -2.23
N ALA B 60 -11.57 -0.37 -0.92
CA ALA B 60 -10.90 -1.48 -0.21
C ALA B 60 -11.81 -2.68 -0.10
N GLY B 61 -13.10 -2.57 -0.41
CA GLY B 61 -13.92 -3.76 -0.41
C GLY B 61 -14.27 -4.23 0.99
N PRO B 62 -14.68 -5.49 1.10
CA PRO B 62 -15.16 -6.05 2.35
C PRO B 62 -13.99 -6.47 3.25
N HIS B 63 -14.34 -6.98 4.42
CA HIS B 63 -13.30 -7.46 5.37
C HIS B 63 -12.49 -8.58 4.70
N PHE B 64 -11.21 -8.62 4.97
CA PHE B 64 -10.34 -9.69 4.47
C PHE B 64 -10.75 -10.99 5.09
N ASN B 65 -11.21 -11.90 4.24
CA ASN B 65 -11.94 -13.10 4.71
C ASN B 65 -11.58 -14.25 3.80
N PRO B 66 -10.29 -14.63 3.73
CA PRO B 66 -9.92 -15.74 2.87
C PRO B 66 -10.52 -17.08 3.25
N LEU B 67 -10.94 -17.25 4.51
CA LEU B 67 -11.46 -18.56 4.98
C LEU B 67 -12.99 -18.58 5.01
N SER B 68 -13.66 -17.56 4.46
CA SER B 68 -15.13 -17.57 4.27
C SER B 68 -15.83 -17.83 5.59
N ARG B 69 -15.48 -17.09 6.62
CA ARG B 69 -16.16 -17.12 7.91
C ARG B 69 -17.09 -15.93 8.08
N LYS B 70 -17.88 -15.94 9.12
CA LYS B 70 -18.64 -14.80 9.59
C LYS B 70 -17.74 -13.82 10.37
N HIS B 71 -18.23 -12.59 10.48
CA HIS B 71 -17.58 -11.51 11.20
C HIS B 71 -17.60 -11.79 12.71
N GLY B 72 -16.49 -11.49 13.36
CA GLY B 72 -16.40 -11.57 14.80
C GLY B 72 -15.36 -10.64 15.34
N GLY B 73 -15.01 -10.90 16.57
CA GLY B 73 -13.98 -10.14 17.28
C GLY B 73 -12.68 -10.90 17.19
N PRO B 74 -11.57 -10.23 17.55
CA PRO B 74 -10.25 -10.84 17.35
C PRO B 74 -9.98 -12.05 18.24
N LYS B 75 -10.66 -12.14 19.37
CA LYS B 75 -10.50 -13.29 20.30
C LYS B 75 -11.46 -14.42 19.92
N ASP B 76 -12.28 -14.28 18.89
CA ASP B 76 -13.27 -15.30 18.52
C ASP B 76 -12.63 -16.29 17.57
N GLU B 77 -13.10 -17.54 17.58
CA GLU B 77 -12.75 -18.50 16.53
C GLU B 77 -13.45 -18.08 15.23
N GLU B 78 -14.73 -17.75 15.35
CA GLU B 78 -15.53 -17.33 14.16
C GLU B 78 -15.23 -15.86 13.93
N ARG B 79 -14.33 -15.62 12.99
CA ARG B 79 -13.97 -14.21 12.64
C ARG B 79 -13.42 -14.27 11.22
N HIS B 80 -13.40 -13.13 10.61
CA HIS B 80 -12.61 -12.88 9.41
C HIS B 80 -11.15 -12.73 9.81
N VAL B 81 -10.23 -13.09 8.94
CA VAL B 81 -8.81 -12.78 9.18
C VAL B 81 -8.64 -11.31 9.50
N GLY B 82 -9.34 -10.42 8.81
CA GLY B 82 -9.13 -9.00 9.04
C GLY B 82 -9.81 -8.43 10.26
N ASP B 83 -10.46 -9.23 11.10
CA ASP B 83 -11.21 -8.70 12.26
C ASP B 83 -10.28 -8.38 13.43
N LEU B 84 -9.87 -7.14 13.54
CA LEU B 84 -9.01 -6.71 14.64
C LEU B 84 -9.79 -5.93 15.67
N GLY B 85 -11.11 -5.99 15.66
CA GLY B 85 -11.91 -5.46 16.77
C GLY B 85 -12.10 -3.97 16.71
N ASN B 86 -11.84 -3.31 17.84
CA ASN B 86 -11.97 -1.87 17.97
C ASN B 86 -10.68 -1.31 18.53
N VAL B 87 -10.40 -0.09 18.13
CA VAL B 87 -9.44 0.77 18.87
C VAL B 87 -10.29 1.76 19.69
N THR B 88 -9.64 2.35 20.72
CA THR B 88 -10.36 3.26 21.61
C THR B 88 -9.68 4.62 21.60
N ALA B 89 -10.44 5.66 21.24
CA ALA B 89 -9.96 7.03 21.25
C ALA B 89 -10.28 7.65 22.59
N ASP B 90 -9.35 8.46 23.07
CA ASP B 90 -9.48 9.13 24.38
C ASP B 90 -10.25 10.43 24.17
N LYS B 91 -10.36 11.19 25.27
CA LYS B 91 -11.03 12.52 25.27
C LYS B 91 -10.43 13.45 24.23
N ASP B 92 -9.15 13.27 23.87
CA ASP B 92 -8.42 14.14 22.93
C ASP B 92 -8.53 13.56 21.51
N GLY B 93 -9.23 12.44 21.34
CA GLY B 93 -9.43 11.81 20.03
C GLY B 93 -8.22 11.01 19.57
N VAL B 94 -7.42 10.58 20.50
CA VAL B 94 -6.21 9.76 20.23
C VAL B 94 -6.50 8.33 20.66
N ALA B 95 -6.26 7.39 19.75
CA ALA B 95 -6.30 5.97 20.03
C ALA B 95 -4.87 5.46 19.99
N ASP B 96 -4.39 5.03 21.13
CA ASP B 96 -3.08 4.37 21.27
C ASP B 96 -3.34 2.90 21.01
N VAL B 97 -2.79 2.38 19.92
CA VAL B 97 -3.07 0.97 19.51
C VAL B 97 -1.98 0.06 20.02
N SER B 98 -2.46 -1.04 20.60
CA SER B 98 -1.60 -2.06 21.16
C SER B 98 -2.41 -3.35 21.10
N ILE B 99 -2.11 -4.16 20.10
CA ILE B 99 -2.86 -5.41 19.79
C ILE B 99 -1.79 -6.48 19.61
N GLU B 100 -2.07 -7.67 20.06
CA GLU B 100 -1.29 -8.84 19.59
C GLU B 100 -2.34 -9.76 18.98
N ASP B 101 -2.08 -10.25 17.76
CA ASP B 101 -3.08 -11.08 17.05
C ASP B 101 -2.37 -12.27 16.46
N SER B 102 -3.02 -13.44 16.60
CA SER B 102 -2.51 -14.74 16.15
C SER B 102 -3.07 -15.14 14.80
N VAL B 103 -4.07 -14.42 14.30
CA VAL B 103 -4.71 -14.85 13.04
C VAL B 103 -4.13 -14.10 11.82
N ILE B 104 -3.99 -12.80 11.87
CA ILE B 104 -3.24 -12.11 10.80
C ILE B 104 -1.81 -12.65 10.75
N SER B 105 -1.22 -12.52 9.60
CA SER B 105 0.21 -12.81 9.46
C SER B 105 0.83 -11.84 8.47
N LEU B 106 2.16 -11.80 8.49
CA LEU B 106 2.92 -11.02 7.46
C LEU B 106 3.56 -11.97 6.43
N SER B 107 3.07 -13.22 6.37
CA SER B 107 3.40 -14.20 5.31
C SER B 107 2.28 -15.24 5.19
N GLY B 108 2.29 -16.00 4.07
CA GLY B 108 1.34 -17.13 3.85
C GLY B 108 -0.06 -16.68 3.53
N ASP B 109 -1.03 -17.57 3.75
CA ASP B 109 -2.42 -17.37 3.26
C ASP B 109 -3.08 -16.23 4.02
N HIS B 110 -2.63 -15.97 5.26
CA HIS B 110 -3.28 -14.93 6.10
C HIS B 110 -2.53 -13.61 5.97
N CYS B 111 -1.62 -13.52 5.02
CA CYS B 111 -0.77 -12.30 4.85
C CYS B 111 -1.60 -11.10 4.55
N ILE B 112 -1.31 -10.03 5.28
CA ILE B 112 -2.07 -8.77 5.12
C ILE B 112 -1.34 -7.75 4.26
N ILE B 113 -0.12 -8.03 3.83
CA ILE B 113 0.62 -7.08 2.97
C ILE B 113 -0.16 -6.82 1.66
N GLY B 114 -0.28 -5.55 1.31
CA GLY B 114 -0.97 -5.11 0.09
C GLY B 114 -2.46 -5.08 0.26
N ARG B 115 -2.95 -5.31 1.48
CA ARG B 115 -4.38 -5.11 1.81
C ARG B 115 -4.54 -3.75 2.44
N THR B 116 -5.77 -3.40 2.84
CA THR B 116 -6.03 -2.06 3.40
C THR B 116 -6.44 -2.16 4.85
N LEU B 117 -5.87 -1.34 5.70
CA LEU B 117 -6.33 -1.21 7.08
C LEU B 117 -7.27 -0.01 7.17
N VAL B 118 -8.41 -0.19 7.82
CA VAL B 118 -9.49 0.82 7.84
C VAL B 118 -9.86 1.02 9.31
N VAL B 119 -10.03 2.27 9.67
CA VAL B 119 -10.61 2.64 10.98
C VAL B 119 -12.00 3.27 10.72
N HIS B 120 -12.98 2.82 11.48
CA HIS B 120 -14.41 3.10 11.18
C HIS B 120 -14.99 4.16 12.09
N GLU B 121 -16.15 4.67 11.66
CA GLU B 121 -16.95 5.72 12.34
C GLU B 121 -17.42 5.28 13.72
N LYS B 122 -17.95 4.06 13.79
CA LYS B 122 -18.68 3.51 14.95
C LYS B 122 -17.94 2.30 15.49
N ALA B 123 -18.35 1.86 16.66
CA ALA B 123 -17.88 0.61 17.25
C ALA B 123 -18.27 -0.55 16.34
N ASP B 124 -17.33 -1.48 16.26
CA ASP B 124 -17.62 -2.86 15.80
C ASP B 124 -18.26 -3.61 16.93
N ASP B 125 -19.44 -4.19 16.65
CA ASP B 125 -20.16 -4.99 17.65
C ASP B 125 -19.64 -6.42 17.74
N LEU B 126 -18.56 -6.73 16.99
CA LEU B 126 -17.84 -8.02 17.08
C LEU B 126 -18.75 -9.18 16.77
N GLY B 127 -19.78 -8.96 15.95
CA GLY B 127 -20.75 -10.00 15.54
C GLY B 127 -21.82 -10.25 16.60
N LYS B 128 -21.92 -9.38 17.61
CA LYS B 128 -22.92 -9.51 18.72
C LYS B 128 -23.91 -8.33 18.73
N GLY B 129 -24.36 -7.94 17.57
CA GLY B 129 -25.27 -6.79 17.43
C GLY B 129 -26.71 -7.22 17.32
N GLY B 130 -26.97 -8.48 16.96
CA GLY B 130 -28.29 -9.04 16.86
C GLY B 130 -28.98 -8.74 15.57
N ASN B 131 -28.26 -8.45 14.48
CA ASN B 131 -28.89 -8.32 13.16
C ASN B 131 -27.96 -9.01 12.15
N GLU B 132 -28.44 -9.13 10.94
CA GLU B 132 -27.65 -9.88 9.91
C GLU B 132 -26.34 -9.11 9.63
N GLU B 133 -26.38 -7.78 9.60
CA GLU B 133 -25.18 -6.95 9.27
C GLU B 133 -24.09 -7.16 10.33
N SER B 134 -24.49 -7.51 11.55
CA SER B 134 -23.53 -7.73 12.63
C SER B 134 -22.56 -8.82 12.24
N THR B 135 -23.02 -9.88 11.57
CA THR B 135 -22.24 -11.08 11.18
C THR B 135 -21.45 -10.84 9.88
N LYS B 136 -21.51 -9.64 9.33
CA LYS B 136 -20.83 -9.27 8.06
C LYS B 136 -19.83 -8.17 8.31
N THR B 137 -20.27 -7.05 8.86
CA THR B 137 -19.43 -5.85 9.03
C THR B 137 -19.25 -5.48 10.51
N GLY B 138 -20.09 -6.01 11.42
CA GLY B 138 -20.14 -5.57 12.82
C GLY B 138 -20.73 -4.19 12.97
N ASN B 139 -21.41 -3.68 11.94
CA ASN B 139 -22.14 -2.39 12.05
C ASN B 139 -21.21 -1.26 12.43
N ALA B 140 -19.99 -1.24 11.91
CA ALA B 140 -19.03 -0.18 12.33
C ALA B 140 -19.14 1.07 11.46
N GLY B 141 -20.08 1.13 10.51
CA GLY B 141 -20.33 2.43 9.86
C GLY B 141 -19.22 2.78 8.90
N SER B 142 -19.12 4.06 8.63
CA SER B 142 -18.36 4.56 7.48
C SER B 142 -16.87 4.39 7.77
N ARG B 143 -16.08 4.54 6.72
CA ARG B 143 -14.61 4.41 6.80
C ARG B 143 -13.98 5.79 6.98
N LEU B 144 -13.38 6.06 8.13
CA LEU B 144 -12.87 7.41 8.39
C LEU B 144 -11.47 7.59 7.80
N ALA B 145 -10.64 6.54 7.80
CA ALA B 145 -9.30 6.62 7.27
C ALA B 145 -8.86 5.21 6.93
N CYS B 146 -7.91 5.12 6.03
CA CYS B 146 -7.41 3.84 5.60
C CYS B 146 -6.04 4.01 4.98
N GLY B 147 -5.38 2.90 4.78
CA GLY B 147 -4.14 2.88 4.04
C GLY B 147 -3.75 1.50 3.63
N VAL B 148 -2.86 1.39 2.65
CA VAL B 148 -2.40 0.08 2.16
C VAL B 148 -1.26 -0.34 3.06
N ILE B 149 -1.23 -1.60 3.37
CA ILE B 149 -0.27 -2.18 4.32
C ILE B 149 0.99 -2.53 3.52
N GLY B 150 2.09 -1.90 3.91
CA GLY B 150 3.33 -1.97 3.13
C GLY B 150 4.50 -2.53 3.88
N ILE B 151 5.50 -3.00 3.15
CA ILE B 151 6.71 -3.62 3.75
C ILE B 151 7.57 -2.51 4.30
N ALA B 152 8.03 -2.64 5.53
CA ALA B 152 8.92 -1.65 6.19
C ALA B 152 10.33 -2.23 6.28
N GLN B 153 11.26 -1.34 6.55
CA GLN B 153 12.67 -1.67 6.79
C GLN B 153 12.80 -2.50 8.09
ZN ZN C . 17.11 2.02 -10.00
C ACT D . 19.19 12.25 -7.09
O ACT D . 18.61 12.98 -7.96
OXT ACT D . 18.60 11.68 -6.18
CH3 ACT D . 20.72 12.02 -7.20
C ACT E . 12.51 13.59 -1.51
O ACT E . 11.78 14.11 -2.37
OXT ACT E . 12.10 12.72 -0.69
CH3 ACT E . 13.97 14.05 -1.41
C11 9JT F . 6.07 -15.41 -2.16
C12 9JT F . 7.37 -15.79 -2.50
C13 9JT F . 7.59 -17.09 -3.03
C14 9JT F . 6.49 -17.95 -3.22
C15 9JT F . 5.20 -17.55 -2.87
O09 9JT F . 4.04 -13.81 -2.79
C08 9JT F . 4.92 -13.39 -2.02
C07 9JT F . 4.91 -11.96 -1.59
C06 9JT F . 5.21 -11.64 -0.27
C05 9JT F . 5.12 -10.30 0.18
C04 9JT F . 4.71 -9.30 -0.71
C03 9JT F . 4.42 -9.60 -2.00
C02 9JT F . 4.40 -10.90 -2.51
SE1 9JT F . 3.95 -11.20 -4.03
N10 9JT F . 5.90 -14.14 -1.69
C16 9JT F . 5.02 -16.27 -2.32
ZN ZN G . 12.92 7.01 -7.33
S SO4 H . 22.86 -4.28 -20.47
O1 SO4 H . 21.81 -4.82 -21.35
O2 SO4 H . 23.33 -3.03 -21.02
O3 SO4 H . 22.35 -4.04 -19.15
O4 SO4 H . 23.95 -5.22 -20.39
CL CL I . 15.35 8.20 -5.55
ZN ZN J . -15.12 -8.86 9.72
C11 9JT K . 1.50 -16.46 -0.35
C12 9JT K . 2.78 -17.03 -0.22
C13 9JT K . 2.87 -18.39 0.22
C14 9JT K . 1.75 -19.10 0.59
C15 9JT K . 0.48 -18.50 0.51
O09 9JT K . 3.26 -14.51 0.27
C08 9JT K . 2.14 -14.27 -0.29
C07 9JT K . 1.70 -12.82 -0.45
C06 9JT K . 1.10 -12.41 -1.63
C05 9JT K . 0.72 -11.08 -1.84
C04 9JT K . 1.01 -10.18 -0.87
C03 9JT K . 1.52 -10.53 0.35
C02 9JT K . 1.99 -11.84 0.68
SE1 9JT K . 2.57 -12.20 2.12
N10 9JT K . 1.33 -15.19 -0.74
C16 9JT K . 0.34 -17.17 0.07
ZN ZN L . -14.33 -2.18 8.04
S SO4 M . -26.02 -19.49 8.84
O1 SO4 M . -26.55 -20.51 7.98
O2 SO4 M . -25.98 -18.25 8.11
O3 SO4 M . -26.85 -19.35 10.01
O4 SO4 M . -24.68 -19.85 9.24
S SO4 N . -22.39 -0.90 8.35
O1 SO4 N . -22.34 -0.03 7.22
O2 SO4 N . -23.45 -1.87 8.23
O3 SO4 N . -22.58 -0.07 9.54
O4 SO4 N . -21.16 -1.62 8.44
S SO4 O . -17.96 4.94 3.38
O1 SO4 O . -17.80 3.58 2.92
O2 SO4 O . -18.22 5.77 2.20
O3 SO4 O . -19.08 5.01 4.27
O4 SO4 O . -16.80 5.41 4.08
CL CL P . -17.23 -2.24 6.38
#